data_2JHI
#
_entry.id   2JHI
#
_cell.length_a   73.970
_cell.length_b   73.970
_cell.length_c   126.470
_cell.angle_alpha   90.00
_cell.angle_beta   90.00
_cell.angle_gamma   120.00
#
_symmetry.space_group_name_H-M   'H 3'
#
loop_
_entity.id
_entity.type
_entity.pdbx_description
1 polymer FICOLIN-1
2 non-polymer 'CALCIUM ION'
3 non-polymer 2-acetamido-2-deoxy-alpha-D-galactopyranose
4 water water
#
_entity_poly.entity_id   1
_entity_poly.type   'polypeptide(L)'
_entity_poly.pdbx_seq_one_letter_code
;QSCATGPRNCKDLLDRGHFLSGWHTIYLPDCRPLTVLCDMDTDGGGWTVFQRRMDGSVDFYRDWAAYKQGFGSQLGEFWL
GNDNIHALTAQGSSELRTDLVDFEGNHQFAKYKSFKVADEAEKYKLVLGAFVGGSAGNSLTGHNNNFFSTKDQDNDVSSS
NCAEKFQGAWWYADCHASNLNGLYLMGPHESYANGINWSAAKGYKYSYKVSEMKVRPA
;
_entity_poly.pdbx_strand_id   F
#
# COMPACT_ATOMS: atom_id res chain seq x y z
N SER A 2 2.87 2.45 -27.94
CA SER A 2 2.12 1.15 -27.93
C SER A 2 2.65 0.21 -26.84
N CYS A 3 1.95 -0.91 -26.63
CA CYS A 3 2.33 -1.92 -25.64
C CYS A 3 3.69 -2.53 -25.94
N ALA A 4 3.98 -2.68 -27.23
CA ALA A 4 5.24 -3.28 -27.70
C ALA A 4 6.47 -2.46 -27.30
N THR A 5 6.36 -1.14 -27.37
CA THR A 5 7.49 -0.23 -27.11
C THR A 5 7.34 0.52 -25.78
N GLY A 6 6.21 0.33 -25.11
CA GLY A 6 5.89 1.09 -23.91
C GLY A 6 6.50 0.55 -22.63
N PRO A 7 6.54 1.38 -21.59
CA PRO A 7 7.06 0.96 -20.30
C PRO A 7 6.11 -0.01 -19.58
N ARG A 8 6.69 -0.94 -18.82
N ARG A 8 6.68 -0.92 -18.79
CA ARG A 8 5.93 -1.91 -18.00
CA ARG A 8 5.92 -1.90 -18.03
C ARG A 8 5.69 -1.40 -16.58
C ARG A 8 5.78 -1.49 -16.55
N ASN A 9 6.53 -0.47 -16.15
CA ASN A 9 6.57 -0.01 -14.75
C ASN A 9 7.38 1.28 -14.67
N CYS A 10 7.49 1.84 -13.46
CA CYS A 10 8.16 3.13 -13.27
C CYS A 10 9.70 3.06 -13.38
N LYS A 11 10.27 1.87 -13.17
CA LYS A 11 11.72 1.69 -13.38
C LYS A 11 12.10 1.83 -14.87
N ASP A 12 11.29 1.26 -15.76
CA ASP A 12 11.46 1.47 -17.21
C ASP A 12 11.45 2.97 -17.54
N LEU A 13 10.52 3.72 -16.94
CA LEU A 13 10.45 5.15 -17.17
C LEU A 13 11.68 5.89 -16.67
N LEU A 14 12.17 5.53 -15.48
CA LEU A 14 13.40 6.14 -14.96
C LEU A 14 14.55 5.93 -15.95
N ASP A 15 14.66 4.71 -16.47
CA ASP A 15 15.72 4.33 -17.42
C ASP A 15 15.65 5.12 -18.73
N ARG A 16 14.45 5.60 -19.08
CA ARG A 16 14.22 6.39 -20.29
C ARG A 16 14.40 7.90 -20.09
N GLY A 17 14.85 8.29 -18.89
CA GLY A 17 15.16 9.70 -18.58
C GLY A 17 14.05 10.56 -18.00
N HIS A 18 13.05 9.92 -17.39
CA HIS A 18 12.02 10.62 -16.62
C HIS A 18 12.47 10.71 -15.15
N PHE A 19 13.00 11.88 -14.77
CA PHE A 19 13.65 12.04 -13.46
C PHE A 19 12.79 12.68 -12.36
N LEU A 20 11.67 13.31 -12.73
CA LEU A 20 10.74 13.90 -11.76
C LEU A 20 9.56 12.95 -11.47
N SER A 21 9.18 12.85 -10.19
CA SER A 21 7.99 12.07 -9.79
C SER A 21 6.72 12.64 -10.45
N GLY A 22 5.78 11.75 -10.78
CA GLY A 22 4.49 12.18 -11.37
C GLY A 22 3.75 11.05 -12.06
N TRP A 23 2.59 11.38 -12.62
CA TRP A 23 1.70 10.39 -13.26
C TRP A 23 2.07 10.08 -14.72
N HIS A 24 2.22 8.79 -15.02
CA HIS A 24 2.64 8.29 -16.34
C HIS A 24 1.82 7.06 -16.77
N THR A 25 1.70 6.85 -18.08
CA THR A 25 1.05 5.65 -18.59
C THR A 25 2.04 4.49 -18.67
N ILE A 26 1.63 3.33 -18.14
N ILE A 26 1.62 3.34 -18.13
CA ILE A 26 2.36 2.08 -18.31
CA ILE A 26 2.36 2.08 -18.31
C ILE A 26 1.42 1.03 -18.91
C ILE A 26 1.42 1.03 -18.92
N TYR A 27 1.99 -0.09 -19.35
CA TYR A 27 1.22 -1.18 -19.96
C TYR A 27 1.32 -2.45 -19.14
N LEU A 28 0.16 -2.91 -18.69
CA LEU A 28 0.04 -4.10 -17.86
C LEU A 28 0.34 -5.35 -18.70
N PRO A 29 0.56 -6.51 -18.06
CA PRO A 29 0.92 -7.74 -18.79
C PRO A 29 -0.05 -8.13 -19.92
N ASP A 30 -1.34 -7.79 -19.78
CA ASP A 30 -2.35 -8.07 -20.81
C ASP A 30 -2.48 -6.94 -21.84
N CYS A 31 -1.55 -5.99 -21.76
CA CYS A 31 -1.48 -4.79 -22.64
C CYS A 31 -2.53 -3.70 -22.38
N ARG A 32 -3.32 -3.84 -21.31
CA ARG A 32 -4.23 -2.77 -20.86
C ARG A 32 -3.39 -1.58 -20.36
N PRO A 33 -3.72 -0.36 -20.84
CA PRO A 33 -3.01 0.82 -20.33
C PRO A 33 -3.52 1.28 -18.96
N LEU A 34 -2.58 1.71 -18.10
CA LEU A 34 -2.94 2.25 -16.78
C LEU A 34 -2.07 3.45 -16.42
N THR A 35 -2.70 4.51 -15.93
CA THR A 35 -1.99 5.70 -15.41
C THR A 35 -1.63 5.49 -13.93
N VAL A 36 -0.33 5.58 -13.64
CA VAL A 36 0.24 5.30 -12.31
C VAL A 36 1.17 6.43 -11.82
N LEU A 37 1.33 6.54 -10.50
CA LEU A 37 2.26 7.52 -9.92
C LEU A 37 3.64 6.90 -9.75
N CYS A 38 4.66 7.55 -10.36
CA CYS A 38 6.05 7.16 -10.20
C CYS A 38 6.77 8.02 -9.15
N ASP A 39 7.39 7.37 -8.16
CA ASP A 39 8.28 8.05 -7.21
C ASP A 39 9.72 7.93 -7.73
N MET A 40 10.23 9.02 -8.31
CA MET A 40 11.59 9.03 -8.88
C MET A 40 12.66 9.60 -7.93
N ASP A 41 12.22 10.07 -6.76
CA ASP A 41 13.09 10.80 -5.82
C ASP A 41 13.57 9.96 -4.63
N THR A 42 12.77 8.97 -4.21
CA THR A 42 13.07 8.23 -2.98
C THR A 42 13.96 7.03 -3.25
N ASP A 43 15.04 6.93 -2.48
CA ASP A 43 15.88 5.73 -2.46
C ASP A 43 16.22 5.20 -3.86
N GLY A 44 16.82 6.06 -4.69
CA GLY A 44 17.19 5.67 -6.05
C GLY A 44 16.13 5.84 -7.13
N GLY A 45 14.87 5.91 -6.72
CA GLY A 45 13.76 6.17 -7.66
C GLY A 45 13.29 4.93 -8.39
N GLY A 46 12.32 5.11 -9.28
CA GLY A 46 11.75 4.03 -10.06
C GLY A 46 10.66 3.21 -9.39
N TRP A 47 10.04 3.78 -8.35
CA TRP A 47 8.97 3.11 -7.60
C TRP A 47 7.58 3.41 -8.19
N THR A 48 6.71 2.41 -8.20
CA THR A 48 5.30 2.57 -8.60
C THR A 48 4.46 2.67 -7.30
N VAL A 49 3.83 3.81 -7.07
CA VAL A 49 3.07 4.03 -5.81
C VAL A 49 1.62 3.55 -5.89
N PHE A 50 1.22 2.67 -4.97
CA PHE A 50 -0.16 2.14 -5.00
C PHE A 50 -1.08 2.57 -3.84
N GLN A 51 -0.52 3.26 -2.84
CA GLN A 51 -1.31 3.86 -1.74
C GLN A 51 -0.61 5.16 -1.32
N ARG A 52 -1.41 6.18 -1.00
CA ARG A 52 -0.91 7.47 -0.54
C ARG A 52 -1.95 8.15 0.36
N ARG A 53 -1.53 8.47 1.60
CA ARG A 53 -2.32 9.32 2.53
C ARG A 53 -1.44 10.52 2.87
N MET A 54 -2.07 11.68 3.10
N MET A 54 -2.05 11.70 3.04
CA MET A 54 -1.33 12.90 3.45
CA MET A 54 -1.29 12.89 3.46
C MET A 54 -2.10 13.88 4.33
C MET A 54 -2.08 14.04 4.10
N ASP A 55 -3.42 13.92 4.20
CA ASP A 55 -4.24 14.99 4.82
C ASP A 55 -5.65 14.64 5.31
N GLY A 56 -6.08 13.38 5.12
CA GLY A 56 -7.41 12.95 5.54
C GLY A 56 -8.60 13.46 4.73
N SER A 57 -8.32 13.97 3.53
CA SER A 57 -9.36 14.48 2.60
C SER A 57 -10.24 13.38 1.97
N VAL A 58 -9.71 12.15 1.88
CA VAL A 58 -10.43 11.03 1.27
C VAL A 58 -10.83 9.97 2.32
N ASP A 59 -12.08 9.52 2.26
CA ASP A 59 -12.59 8.45 3.14
C ASP A 59 -12.04 7.10 2.67
N PHE A 60 -11.33 6.41 3.57
CA PHE A 60 -10.78 5.07 3.27
C PHE A 60 -11.59 3.88 3.81
N TYR A 61 -12.66 4.17 4.55
CA TYR A 61 -13.50 3.10 5.09
C TYR A 61 -14.54 2.71 4.03
N ARG A 62 -14.07 1.98 3.01
CA ARG A 62 -14.86 1.66 1.81
C ARG A 62 -15.07 0.16 1.63
N ASP A 63 -15.98 -0.22 0.72
CA ASP A 63 -16.34 -1.62 0.48
C ASP A 63 -15.44 -2.40 -0.50
N TRP A 64 -15.75 -3.70 -0.69
CA TRP A 64 -14.99 -4.60 -1.56
C TRP A 64 -14.82 -4.02 -2.98
N ALA A 65 -15.94 -3.55 -3.54
CA ALA A 65 -15.98 -2.98 -4.88
C ALA A 65 -15.01 -1.81 -5.05
N ALA A 66 -15.05 -0.89 -4.09
CA ALA A 66 -14.16 0.28 -4.09
C ALA A 66 -12.70 -0.12 -4.06
N TYR A 67 -12.33 -1.01 -3.14
CA TYR A 67 -10.94 -1.49 -3.09
C TYR A 67 -10.48 -2.29 -4.32
N LYS A 68 -11.42 -3.03 -4.92
CA LYS A 68 -11.18 -3.80 -6.16
C LYS A 68 -10.80 -2.90 -7.35
N GLN A 69 -11.58 -1.85 -7.58
CA GLN A 69 -11.39 -0.94 -8.73
C GLN A 69 -10.42 0.24 -8.49
N GLY A 70 -10.24 0.62 -7.22
CA GLY A 70 -9.46 1.81 -6.85
C GLY A 70 -10.34 3.02 -6.59
N PHE A 71 -9.83 3.99 -5.82
CA PHE A 71 -10.57 5.23 -5.49
C PHE A 71 -9.62 6.35 -5.05
N GLY A 72 -10.11 7.58 -5.05
CA GLY A 72 -9.32 8.74 -4.63
C GLY A 72 -8.94 9.67 -5.78
N SER A 73 -7.84 10.41 -5.62
CA SER A 73 -7.44 11.47 -6.57
C SER A 73 -5.95 11.45 -6.90
N GLN A 74 -5.63 11.66 -8.19
CA GLN A 74 -4.24 11.81 -8.63
C GLN A 74 -3.58 13.02 -7.97
N LEU A 75 -4.39 13.98 -7.55
CA LEU A 75 -3.90 15.22 -6.95
C LEU A 75 -3.63 15.04 -5.45
N GLY A 76 -4.05 13.92 -4.88
CA GLY A 76 -3.96 13.70 -3.43
C GLY A 76 -3.87 12.25 -2.98
N GLU A 77 -4.83 11.86 -2.14
CA GLU A 77 -4.83 10.52 -1.54
C GLU A 77 -5.54 9.51 -2.43
N PHE A 78 -5.04 8.27 -2.48
CA PHE A 78 -5.65 7.22 -3.31
C PHE A 78 -5.27 5.79 -2.88
N TRP A 79 -6.07 4.82 -3.36
CA TRP A 79 -5.74 3.40 -3.41
C TRP A 79 -5.86 3.01 -4.89
N LEU A 80 -4.77 2.46 -5.46
CA LEU A 80 -4.71 2.20 -6.93
C LEU A 80 -5.71 1.15 -7.42
N GLY A 81 -6.08 0.22 -6.55
CA GLY A 81 -7.02 -0.85 -6.91
C GLY A 81 -6.41 -2.24 -6.86
N ASN A 82 -7.14 -3.19 -6.26
CA ASN A 82 -6.59 -4.54 -6.06
C ASN A 82 -6.35 -5.34 -7.36
N ASP A 83 -7.23 -5.16 -8.34
CA ASP A 83 -7.02 -5.74 -9.68
C ASP A 83 -5.73 -5.20 -10.31
N ASN A 84 -5.51 -3.90 -10.18
CA ASN A 84 -4.30 -3.23 -10.67
C ASN A 84 -3.02 -3.68 -9.94
N ILE A 85 -3.11 -3.83 -8.62
CA ILE A 85 -1.93 -4.22 -7.81
C ILE A 85 -1.50 -5.68 -8.11
N HIS A 86 -2.46 -6.59 -8.23
CA HIS A 86 -2.19 -7.94 -8.74
C HIS A 86 -1.45 -7.96 -10.08
N ALA A 87 -1.95 -7.16 -11.03
CA ALA A 87 -1.38 -7.12 -12.37
C ALA A 87 0.07 -6.62 -12.34
N LEU A 88 0.31 -5.59 -11.53
CA LEU A 88 1.63 -4.97 -11.42
C LEU A 88 2.71 -5.87 -10.81
N THR A 89 2.27 -6.83 -9.99
CA THR A 89 3.21 -7.65 -9.22
C THR A 89 3.26 -9.10 -9.71
N ALA A 90 2.54 -9.38 -10.79
CA ALA A 90 2.51 -10.73 -11.40
C ALA A 90 3.83 -11.13 -12.07
N GLN A 91 4.49 -10.21 -12.74
CA GLN A 91 5.72 -10.54 -13.51
C GLN A 91 6.99 -10.27 -12.73
N GLY A 92 7.96 -11.18 -12.85
CA GLY A 92 9.26 -11.02 -12.19
C GLY A 92 9.16 -11.02 -10.68
N SER A 93 9.96 -10.16 -10.04
CA SER A 93 9.96 -10.03 -8.59
C SER A 93 10.09 -8.56 -8.17
N SER A 94 9.15 -8.11 -7.34
CA SER A 94 9.07 -6.70 -6.92
C SER A 94 9.36 -6.50 -5.43
N GLU A 95 10.25 -5.54 -5.12
N GLU A 95 10.28 -5.57 -5.12
CA GLU A 95 10.57 -5.14 -3.75
CA GLU A 95 10.51 -5.17 -3.74
C GLU A 95 9.56 -4.10 -3.25
C GLU A 95 9.37 -4.26 -3.29
N LEU A 96 9.21 -4.17 -1.97
CA LEU A 96 8.23 -3.24 -1.37
C LEU A 96 8.91 -2.26 -0.41
N ARG A 97 8.54 -0.98 -0.54
CA ARG A 97 8.97 0.05 0.39
C ARG A 97 7.72 0.74 0.97
N THR A 98 7.73 0.94 2.28
CA THR A 98 6.69 1.71 3.00
C THR A 98 7.36 2.96 3.57
N ASP A 99 6.85 4.13 3.19
CA ASP A 99 7.37 5.42 3.68
C ASP A 99 6.34 6.08 4.59
N LEU A 100 6.80 6.53 5.77
CA LEU A 100 5.93 7.13 6.79
C LEU A 100 6.51 8.46 7.29
N VAL A 101 5.62 9.41 7.59
CA VAL A 101 6.01 10.68 8.23
C VAL A 101 5.07 11.00 9.41
N ASP A 102 5.64 11.29 10.58
CA ASP A 102 4.82 11.68 11.71
C ASP A 102 4.51 13.20 11.73
N PHE A 103 3.75 13.67 12.71
CA PHE A 103 3.35 15.07 12.80
C PHE A 103 4.42 15.97 13.42
N GLU A 104 5.48 15.32 13.92
CA GLU A 104 6.63 16.00 14.48
C GLU A 104 7.70 16.19 13.41
N GLY A 105 7.44 15.66 12.21
CA GLY A 105 8.33 15.84 11.06
C GLY A 105 9.34 14.74 10.80
N ASN A 106 9.28 13.67 11.57
CA ASN A 106 10.22 12.54 11.44
C ASN A 106 9.82 11.60 10.30
N HIS A 107 10.78 11.22 9.46
CA HIS A 107 10.55 10.26 8.39
C HIS A 107 11.08 8.88 8.73
N GLN A 108 10.24 7.87 8.53
CA GLN A 108 10.58 6.47 8.82
C GLN A 108 10.21 5.57 7.63
N PHE A 109 10.89 4.43 7.51
CA PHE A 109 10.64 3.52 6.40
C PHE A 109 10.85 2.04 6.75
N ALA A 110 10.22 1.18 5.94
CA ALA A 110 10.41 -0.27 6.00
C ALA A 110 10.54 -0.82 4.58
N LYS A 111 11.48 -1.75 4.38
N LYS A 111 11.48 -1.74 4.39
CA LYS A 111 11.71 -2.38 3.08
CA LYS A 111 11.69 -2.41 3.11
C LYS A 111 11.62 -3.91 3.16
C LYS A 111 11.50 -3.92 3.22
N TYR A 112 11.00 -4.52 2.15
CA TYR A 112 10.83 -5.98 2.04
C TYR A 112 11.36 -6.45 0.68
N LYS A 113 12.08 -7.57 0.66
N LYS A 113 12.07 -7.57 0.69
CA LYS A 113 12.80 -8.01 -0.55
CA LYS A 113 12.79 -8.08 -0.50
C LYS A 113 11.91 -8.51 -1.69
C LYS A 113 11.88 -8.43 -1.68
N SER A 114 10.67 -8.88 -1.37
CA SER A 114 9.67 -9.23 -2.38
C SER A 114 8.22 -9.02 -1.88
N PHE A 115 7.32 -8.84 -2.85
CA PHE A 115 5.92 -8.49 -2.57
C PHE A 115 5.06 -8.84 -3.77
N LYS A 116 3.97 -9.55 -3.51
CA LYS A 116 3.00 -9.88 -4.53
C LYS A 116 1.62 -9.98 -3.88
N VAL A 117 0.58 -9.60 -4.63
CA VAL A 117 -0.80 -9.96 -4.26
C VAL A 117 -1.41 -10.85 -5.34
N ALA A 118 -2.16 -11.86 -4.89
CA ALA A 118 -2.81 -12.82 -5.76
C ALA A 118 -4.04 -12.23 -6.43
N ASP A 119 -4.67 -12.99 -7.32
CA ASP A 119 -5.87 -12.52 -8.02
C ASP A 119 -7.11 -12.60 -7.13
N GLU A 120 -8.24 -12.12 -7.64
CA GLU A 120 -9.48 -12.06 -6.85
C GLU A 120 -9.97 -13.44 -6.40
N ALA A 121 -9.74 -14.47 -7.23
CA ALA A 121 -10.10 -15.85 -6.88
C ALA A 121 -9.48 -16.29 -5.54
N GLU A 122 -8.30 -15.75 -5.24
N GLU A 122 -8.29 -15.78 -5.23
CA GLU A 122 -7.57 -16.02 -4.01
CA GLU A 122 -7.64 -16.06 -3.96
C GLU A 122 -7.63 -14.82 -3.06
C GLU A 122 -7.63 -14.82 -3.06
N LYS A 123 -8.68 -14.03 -3.18
CA LYS A 123 -8.95 -12.86 -2.32
C LYS A 123 -7.79 -11.87 -2.15
N TYR A 124 -7.01 -11.68 -3.21
CA TYR A 124 -5.87 -10.73 -3.20
C TYR A 124 -4.88 -11.03 -2.06
N LYS A 125 -4.59 -12.32 -1.86
CA LYS A 125 -3.74 -12.80 -0.78
C LYS A 125 -2.34 -12.19 -0.82
N LEU A 126 -1.82 -11.83 0.36
CA LEU A 126 -0.46 -11.28 0.47
C LEU A 126 0.64 -12.35 0.42
N VAL A 127 1.61 -12.17 -0.47
CA VAL A 127 2.77 -13.05 -0.54
C VAL A 127 4.00 -12.18 -0.34
N LEU A 128 4.56 -12.22 0.88
CA LEU A 128 5.60 -11.28 1.28
C LEU A 128 6.97 -11.94 1.53
N GLY A 129 8.02 -11.33 0.99
CA GLY A 129 9.39 -11.82 1.20
C GLY A 129 10.06 -11.19 2.41
N ALA A 130 11.37 -11.43 2.54
CA ALA A 130 12.12 -11.07 3.73
C ALA A 130 12.17 -9.58 4.05
N PHE A 131 11.98 -9.25 5.33
CA PHE A 131 12.24 -7.91 5.87
C PHE A 131 13.74 -7.55 5.74
N VAL A 132 14.00 -6.37 5.19
CA VAL A 132 15.37 -5.92 4.93
C VAL A 132 15.86 -5.02 6.04
N GLY A 133 14.96 -4.16 6.54
CA GLY A 133 15.32 -3.18 7.54
C GLY A 133 14.58 -1.87 7.35
N GLY A 134 15.05 -0.83 8.04
CA GLY A 134 14.38 0.46 8.04
C GLY A 134 14.01 0.91 9.44
N SER A 135 13.99 2.23 9.61
CA SER A 135 13.72 2.86 10.91
C SER A 135 12.32 2.61 11.48
N ALA A 136 11.37 2.27 10.61
CA ALA A 136 9.98 2.01 11.03
C ALA A 136 9.81 0.63 11.67
N GLY A 137 10.77 -0.25 11.44
CA GLY A 137 10.66 -1.62 11.93
C GLY A 137 9.66 -2.46 11.14
N ASN A 138 9.41 -3.67 11.63
CA ASN A 138 8.65 -4.68 10.86
C ASN A 138 7.24 -4.97 11.40
N SER A 139 6.22 -4.41 10.74
CA SER A 139 4.83 -4.68 11.12
C SER A 139 3.98 -5.30 10.02
N LEU A 140 4.62 -5.91 9.01
CA LEU A 140 3.88 -6.56 7.91
C LEU A 140 4.09 -8.07 7.77
N THR A 141 5.23 -8.58 8.25
CA THR A 141 5.51 -10.02 8.20
C THR A 141 4.38 -10.82 8.83
N GLY A 142 3.83 -10.31 9.93
CA GLY A 142 2.70 -10.92 10.63
C GLY A 142 1.43 -11.07 9.81
N HIS A 143 1.38 -10.38 8.67
CA HIS A 143 0.22 -10.42 7.77
C HIS A 143 0.45 -11.35 6.56
N ASN A 144 1.67 -11.86 6.40
CA ASN A 144 1.97 -12.75 5.27
C ASN A 144 0.96 -13.90 5.16
N ASN A 145 0.59 -14.23 3.92
CA ASN A 145 -0.32 -15.34 3.59
C ASN A 145 -1.79 -15.16 4.04
N ASN A 146 -2.16 -13.91 4.35
CA ASN A 146 -3.56 -13.58 4.68
C ASN A 146 -4.29 -12.93 3.49
N PHE A 147 -5.57 -13.27 3.37
CA PHE A 147 -6.46 -12.68 2.37
C PHE A 147 -6.70 -11.20 2.67
N PHE A 148 -7.14 -10.44 1.66
CA PHE A 148 -7.59 -9.05 1.88
C PHE A 148 -9.05 -9.06 2.39
N SER A 149 -9.37 -8.14 3.29
CA SER A 149 -10.70 -7.99 3.86
C SER A 149 -11.18 -6.54 3.91
N THR A 150 -12.46 -6.35 3.63
N THR A 150 -12.47 -6.38 3.72
CA THR A 150 -13.14 -5.07 3.81
CA THR A 150 -13.16 -5.10 3.77
C THR A 150 -14.32 -5.25 4.77
C THR A 150 -14.39 -5.26 4.68
N LYS A 151 -14.98 -4.14 5.11
CA LYS A 151 -16.14 -4.15 6.03
C LYS A 151 -17.25 -5.12 5.61
N ASP A 152 -17.49 -5.22 4.30
CA ASP A 152 -18.56 -6.07 3.76
C ASP A 152 -18.07 -7.44 3.27
N GLN A 153 -16.77 -7.71 3.38
CA GLN A 153 -16.26 -9.05 3.06
C GLN A 153 -15.12 -9.51 3.98
N ASP A 154 -15.46 -10.44 4.88
CA ASP A 154 -14.58 -10.87 5.94
C ASP A 154 -13.83 -12.15 5.53
N ASN A 155 -12.54 -12.00 5.23
CA ASN A 155 -11.66 -13.13 4.90
C ASN A 155 -10.52 -13.33 5.90
N ASP A 156 -10.64 -12.71 7.08
CA ASP A 156 -9.55 -12.75 8.06
C ASP A 156 -9.48 -14.10 8.79
N VAL A 157 -8.60 -14.22 9.79
CA VAL A 157 -8.50 -15.48 10.55
C VAL A 157 -8.97 -15.29 12.00
N SER A 158 -9.95 -14.39 12.15
CA SER A 158 -10.53 -14.06 13.46
C SER A 158 -12.01 -14.45 13.48
N SER A 159 -12.50 -14.87 14.65
CA SER A 159 -13.93 -15.11 14.84
C SER A 159 -14.74 -13.81 14.73
N SER A 160 -14.03 -12.68 14.88
CA SER A 160 -14.63 -11.35 14.71
C SER A 160 -14.39 -10.77 13.30
N ASN A 161 -14.91 -9.57 13.06
CA ASN A 161 -14.75 -8.85 11.80
C ASN A 161 -13.74 -7.70 11.97
N CYS A 162 -12.47 -7.99 11.66
CA CYS A 162 -11.38 -7.03 11.91
C CYS A 162 -11.56 -5.68 11.22
N ALA A 163 -12.03 -5.70 9.97
CA ALA A 163 -12.20 -4.48 9.19
C ALA A 163 -13.19 -3.53 9.82
N GLU A 164 -14.24 -4.08 10.42
N GLU A 164 -14.24 -4.08 10.42
CA GLU A 164 -15.23 -3.30 11.15
CA GLU A 164 -15.23 -3.29 11.15
C GLU A 164 -14.68 -2.81 12.50
C GLU A 164 -14.69 -2.80 12.51
N LYS A 165 -13.91 -3.66 13.18
CA LYS A 165 -13.31 -3.33 14.51
C LYS A 165 -12.67 -1.91 14.54
N PHE A 166 -11.92 -1.49 13.53
CA PHE A 166 -10.47 -1.19 13.48
C PHE A 166 -10.53 -0.19 12.31
N GLN A 167 -11.69 -0.21 11.65
N GLN A 167 -11.69 -0.20 11.65
CA GLN A 167 -12.13 0.82 10.70
CA GLN A 167 -12.12 0.87 10.73
C GLN A 167 -11.14 1.07 9.57
C GLN A 167 -11.19 1.09 9.52
N GLY A 168 -10.86 0.00 8.82
CA GLY A 168 -9.99 0.05 7.65
C GLY A 168 -10.25 -1.07 6.66
N ALA A 169 -9.23 -1.42 5.89
CA ALA A 169 -9.28 -2.49 4.89
C ALA A 169 -7.84 -2.98 4.74
N TRP A 170 -7.59 -4.28 4.87
CA TRP A 170 -6.19 -4.76 5.00
C TRP A 170 -6.14 -6.28 4.89
N TRP A 171 -4.94 -6.84 4.82
CA TRP A 171 -4.74 -8.29 4.94
C TRP A 171 -4.83 -8.73 6.41
N TYR A 172 -5.97 -8.46 7.04
CA TYR A 172 -6.16 -8.69 8.48
C TYR A 172 -5.99 -10.16 8.89
N ALA A 173 -5.36 -10.36 10.05
CA ALA A 173 -5.15 -11.69 10.63
C ALA A 173 -6.11 -11.83 11.82
N ASP A 174 -5.62 -11.62 13.04
CA ASP A 174 -6.47 -11.56 14.23
C ASP A 174 -5.90 -10.63 15.32
N CYS A 175 -5.85 -9.31 15.09
CA CYS A 175 -6.30 -8.66 13.83
C CYS A 175 -5.16 -8.02 13.03
N HIS A 176 -4.33 -7.20 13.68
CA HIS A 176 -3.24 -6.53 12.94
C HIS A 176 -2.06 -6.05 13.76
N ALA A 177 -0.94 -5.88 13.06
CA ALA A 177 0.21 -5.10 13.55
C ALA A 177 0.35 -3.79 12.75
N SER A 178 -0.28 -3.76 11.57
CA SER A 178 -0.31 -2.53 10.74
C SER A 178 -1.71 -2.27 10.20
N ASN A 179 -2.04 -1.00 9.94
CA ASN A 179 -3.42 -0.63 9.58
C ASN A 179 -3.43 0.66 8.74
N LEU A 180 -2.69 0.67 7.63
CA LEU A 180 -2.41 1.94 6.94
C LEU A 180 -3.61 2.54 6.18
N ASN A 181 -4.66 1.74 6.01
CA ASN A 181 -5.92 2.23 5.43
C ASN A 181 -6.99 2.60 6.48
N GLY A 182 -6.55 2.79 7.72
CA GLY A 182 -7.43 3.13 8.85
C GLY A 182 -7.81 4.60 8.89
N LEU A 183 -8.45 5.03 9.99
CA LEU A 183 -8.92 6.42 10.12
C LEU A 183 -7.79 7.44 10.23
N TYR A 184 -7.95 8.59 9.56
CA TYR A 184 -6.94 9.66 9.62
C TYR A 184 -7.10 10.43 10.95
N LEU A 185 -6.47 9.92 12.00
CA LEU A 185 -6.74 10.42 13.36
C LEU A 185 -5.87 11.58 13.85
N MET A 186 -4.83 11.91 13.08
N MET A 186 -4.89 11.94 13.02
CA MET A 186 -4.00 13.13 13.30
CA MET A 186 -3.97 13.05 13.30
C MET A 186 -2.99 13.12 14.48
C MET A 186 -3.23 12.89 14.63
N GLY A 187 -2.23 12.03 14.62
CA GLY A 187 -1.31 11.89 15.76
C GLY A 187 -1.82 10.99 16.87
N PRO A 188 -1.61 11.40 18.15
CA PRO A 188 -2.05 10.51 19.23
C PRO A 188 -3.57 10.43 19.31
N HIS A 189 -4.08 9.24 19.56
CA HIS A 189 -5.51 9.03 19.73
C HIS A 189 -5.83 8.06 20.86
N GLU A 190 -7.00 8.25 21.49
CA GLU A 190 -7.41 7.44 22.64
C GLU A 190 -8.06 6.11 22.26
N SER A 191 -8.65 6.04 21.07
CA SER A 191 -9.22 4.80 20.56
C SER A 191 -8.08 3.84 20.21
N TYR A 192 -8.31 2.55 20.38
CA TYR A 192 -7.25 1.54 20.21
C TYR A 192 -7.18 1.00 18.77
N ALA A 193 -6.03 1.18 18.13
CA ALA A 193 -5.68 0.46 16.89
C ALA A 193 -6.56 0.73 15.66
N ASN A 194 -7.29 1.85 15.67
CA ASN A 194 -8.16 2.19 14.53
C ASN A 194 -7.69 3.36 13.66
N GLY A 195 -6.43 3.77 13.83
CA GLY A 195 -5.83 4.84 13.02
C GLY A 195 -4.84 4.32 11.99
N ILE A 196 -4.10 5.23 11.35
CA ILE A 196 -3.02 4.87 10.43
C ILE A 196 -1.81 4.41 11.28
N ASN A 197 -1.86 3.16 11.70
CA ASN A 197 -0.94 2.61 12.70
C ASN A 197 0.10 1.66 12.10
N TRP A 198 1.34 1.82 12.55
CA TRP A 198 2.43 0.88 12.25
C TRP A 198 3.03 0.57 13.63
N SER A 199 2.63 -0.57 14.21
CA SER A 199 2.87 -0.80 15.66
C SER A 199 4.34 -0.95 16.09
N ALA A 200 5.21 -1.38 15.18
CA ALA A 200 6.65 -1.55 15.47
C ALA A 200 7.40 -0.21 15.65
N ALA A 201 6.77 0.88 15.23
CA ALA A 201 7.36 2.21 15.36
C ALA A 201 6.62 3.06 16.39
N LYS A 202 5.47 3.60 16.03
CA LYS A 202 4.73 4.52 16.91
C LYS A 202 3.60 3.86 17.71
N GLY A 203 3.40 2.56 17.54
CA GLY A 203 2.45 1.80 18.34
C GLY A 203 1.01 1.85 17.85
N TYR A 204 0.08 1.41 18.70
CA TYR A 204 -1.34 1.29 18.32
C TYR A 204 -2.19 2.53 18.59
N LYS A 205 -1.59 3.59 19.13
CA LYS A 205 -2.36 4.78 19.51
C LYS A 205 -1.78 6.09 18.93
N TYR A 206 -1.08 5.96 17.79
CA TYR A 206 -0.54 7.11 17.05
C TYR A 206 -0.80 6.94 15.55
N SER A 207 -1.45 7.93 14.94
CA SER A 207 -1.80 7.90 13.52
C SER A 207 -0.90 8.83 12.71
N TYR A 208 -0.24 8.28 11.70
CA TYR A 208 0.76 9.00 10.89
C TYR A 208 0.18 10.11 10.00
N LYS A 209 1.00 11.12 9.69
N LYS A 209 1.00 11.13 9.70
CA LYS A 209 0.60 12.21 8.79
CA LYS A 209 0.63 12.22 8.79
C LYS A 209 0.61 11.81 7.30
C LYS A 209 0.59 11.77 7.33
N VAL A 210 1.61 11.02 6.93
CA VAL A 210 1.79 10.56 5.55
C VAL A 210 2.11 9.08 5.57
N SER A 211 1.46 8.34 4.67
N SER A 211 1.48 8.33 4.67
CA SER A 211 1.77 6.94 4.40
CA SER A 211 1.89 6.96 4.39
C SER A 211 1.87 6.75 2.88
C SER A 211 1.89 6.73 2.89
N GLU A 212 2.83 5.95 2.44
N GLU A 212 2.92 6.04 2.42
CA GLU A 212 2.99 5.65 1.03
CA GLU A 212 2.99 5.63 1.03
C GLU A 212 3.51 4.21 0.84
C GLU A 212 3.42 4.17 0.94
N MET A 213 2.83 3.44 0.00
CA MET A 213 3.24 2.06 -0.31
C MET A 213 3.61 1.97 -1.79
N LYS A 214 4.78 1.39 -2.08
CA LYS A 214 5.34 1.44 -3.44
C LYS A 214 6.22 0.24 -3.80
N VAL A 215 6.28 -0.07 -5.10
CA VAL A 215 7.01 -1.27 -5.58
C VAL A 215 8.02 -0.98 -6.72
N ARG A 216 9.05 -1.82 -6.81
CA ARG A 216 10.13 -1.69 -7.81
C ARG A 216 10.67 -3.10 -8.13
N PRO A 217 11.00 -3.38 -9.41
CA PRO A 217 11.66 -4.66 -9.72
C PRO A 217 12.91 -4.90 -8.86
N ALA A 218 13.05 -6.13 -8.36
CA ALA A 218 14.19 -6.47 -7.52
C ALA A 218 15.46 -6.58 -8.35
#